data_7F51
#
_entry.id   7F51
#
_cell.length_a   42.166
_cell.length_b   67.363
_cell.length_c   92.510
_cell.angle_alpha   90.000
_cell.angle_beta   90.000
_cell.angle_gamma   90.000
#
_symmetry.space_group_name_H-M   'P 21 21 21'
#
loop_
_entity.id
_entity.type
_entity.pdbx_description
1 polymer 'NAD-dependent protein deacetylase HST2'
2 non-polymer 'ZINC ION'
3 non-polymer '[(2R,3R,4R,5R)-5-[[[[(2R,3S,4R,5R)-5-(6-aminopurin-9-yl)-3,4-bis(oxidanyl)oxolan-2-yl]methoxy-oxidanyl-phosphoryl]oxy-oxidanyl-phosphoryl]oxymethyl]-2,4-bis(oxidanyl)oxolan-3-yl] benzoate'
4 water water
#
_entity_poly.entity_id   1
_entity_poly.type   'polypeptide(L)'
_entity_poly.pdbx_seq_one_letter_code
;TEMSVRKIAAHMKSNPNAKVIFMVGAGISTSCGIPDFRSPGTGLYHNLARLKLPYPEAVFDVDFFQSDPLPFYTLAKELY
PGNFRPSKFHYLLKLFQDKDVLKRVYTQNIDTLERQAGVKDDLIIEAHGSFAHCHCIGCGKVYPPQVFKSKLAEHPIKDF
VKCDVCGELVKPAIVFFGEDLPDSFSETWLNDSEWLREKITTSGKHPQQPLVIVVGTSLAVYPFASLPEEIPRKVKRVLC
NLETVGDFKANKRPTDLIVHQYSDEFAEQLVEELGWQEDFEKILTAQ
;
_entity_poly.pdbx_strand_id   A
#
# COMPACT_ATOMS: atom_id res chain seq x y z
N THR A 1 -5.69 -4.56 -23.87
CA THR A 1 -6.09 -4.63 -22.46
C THR A 1 -6.89 -5.86 -22.10
N GLU A 2 -7.98 -6.14 -22.81
CA GLU A 2 -8.73 -7.31 -22.39
C GLU A 2 -7.95 -8.58 -22.70
N MET A 3 -7.08 -8.57 -23.72
CA MET A 3 -6.26 -9.76 -23.96
C MET A 3 -5.28 -9.97 -22.81
N SER A 4 -4.67 -8.90 -22.33
CA SER A 4 -3.73 -9.02 -21.24
C SER A 4 -4.41 -9.55 -19.99
N VAL A 5 -5.58 -8.99 -19.64
CA VAL A 5 -6.33 -9.47 -18.49
C VAL A 5 -6.75 -10.94 -18.68
N ARG A 6 -7.14 -11.31 -19.91
CA ARG A 6 -7.41 -12.72 -20.22
C ARG A 6 -6.25 -13.61 -19.83
N LYS A 7 -5.03 -13.21 -20.18
CA LYS A 7 -3.84 -14.01 -19.88
C LYS A 7 -3.60 -14.16 -18.39
N ILE A 8 -3.83 -13.08 -17.62
CA ILE A 8 -3.71 -13.17 -16.18
C ILE A 8 -4.69 -14.21 -15.63
N ALA A 9 -5.97 -14.11 -16.02
CA ALA A 9 -6.96 -15.11 -15.62
C ALA A 9 -6.57 -16.51 -16.06
N ALA A 10 -6.09 -16.66 -17.29
CA ALA A 10 -5.76 -17.99 -17.81
C ALA A 10 -4.61 -18.59 -17.02
N HIS A 11 -3.61 -17.77 -16.70
CA HIS A 11 -2.50 -18.19 -15.86
C HIS A 11 -2.99 -18.64 -14.48
N MET A 12 -3.89 -17.87 -13.88
CA MET A 12 -4.39 -18.26 -12.57
C MET A 12 -5.20 -19.55 -12.64
N LYS A 13 -5.97 -19.77 -13.71
CA LYS A 13 -6.75 -21.01 -13.84
C LYS A 13 -5.85 -22.21 -14.12
N SER A 14 -4.74 -21.99 -14.85
CA SER A 14 -3.76 -23.03 -15.11
C SER A 14 -2.90 -23.34 -13.87
N ASN A 15 -2.90 -22.46 -12.86
CA ASN A 15 -2.06 -22.61 -11.67
C ASN A 15 -2.94 -22.35 -10.44
N PRO A 16 -3.93 -23.22 -10.20
CA PRO A 16 -4.96 -22.89 -9.20
C PRO A 16 -4.48 -22.97 -7.77
N ASN A 17 -3.36 -23.63 -7.51
CA ASN A 17 -2.80 -23.65 -6.16
C ASN A 17 -1.70 -22.61 -5.97
N ALA A 18 -1.45 -21.75 -6.95
CA ALA A 18 -0.40 -20.74 -6.83
C ALA A 18 -1.00 -19.45 -6.30
N LYS A 19 -0.18 -18.65 -5.66
CA LYS A 19 -0.68 -17.40 -5.05
C LYS A 19 -0.04 -16.23 -5.76
N VAL A 20 -0.57 -15.03 -5.47
CA VAL A 20 -0.21 -13.79 -6.17
C VAL A 20 0.32 -12.79 -5.13
N ILE A 21 1.44 -12.16 -5.43
CA ILE A 21 1.93 -11.04 -4.64
C ILE A 21 1.56 -9.76 -5.39
N PHE A 22 1.06 -8.77 -4.66
CA PHE A 22 0.77 -7.45 -5.22
C PHE A 22 1.79 -6.48 -4.66
N MET A 23 2.19 -5.49 -5.49
CA MET A 23 3.03 -4.40 -5.03
C MET A 23 2.29 -3.15 -5.47
N VAL A 24 1.89 -2.29 -4.53
CA VAL A 24 0.96 -1.23 -4.89
C VAL A 24 1.40 0.14 -4.38
N GLY A 25 0.79 1.15 -4.98
CA GLY A 25 1.12 2.53 -4.69
C GLY A 25 -0.09 3.43 -4.63
N ALA A 26 0.18 4.74 -4.58
CA ALA A 26 -0.86 5.75 -4.38
C ALA A 26 -1.94 5.64 -5.42
N GLY A 27 -1.62 5.14 -6.60
CA GLY A 27 -2.61 5.10 -7.65
C GLY A 27 -3.84 4.26 -7.29
N ILE A 28 -3.71 3.28 -6.39
CA ILE A 28 -4.87 2.43 -6.10
C ILE A 28 -5.85 3.10 -5.13
N SER A 29 -5.46 4.26 -4.59
CA SER A 29 -6.33 4.96 -3.65
C SER A 29 -6.86 6.26 -4.20
N THR A 30 -6.41 6.68 -5.40
CA THR A 30 -6.90 7.94 -5.97
C THR A 30 -8.41 7.94 -6.11
N SER A 31 -9.01 6.81 -6.54
CA SER A 31 -10.46 6.81 -6.71
C SER A 31 -11.23 6.95 -5.40
N CYS A 32 -10.57 6.70 -4.27
CA CYS A 32 -11.19 6.89 -2.96
C CYS A 32 -11.34 8.35 -2.55
N GLY A 33 -10.70 9.30 -3.25
CA GLY A 33 -10.78 10.68 -2.83
C GLY A 33 -9.75 11.11 -1.80
N ILE A 34 -8.71 10.31 -1.58
CA ILE A 34 -7.66 10.70 -0.64
C ILE A 34 -6.82 11.82 -1.28
N PRO A 35 -6.68 12.99 -0.63
CA PRO A 35 -5.80 14.02 -1.19
C PRO A 35 -4.37 13.51 -1.28
N ASP A 36 -3.65 13.99 -2.27
CA ASP A 36 -2.20 13.84 -2.37
C ASP A 36 -1.49 14.88 -1.52
N PHE A 37 -0.68 14.45 -0.55
CA PHE A 37 0.02 15.41 0.31
C PHE A 37 0.85 16.42 -0.48
N ARG A 38 1.17 16.14 -1.72
CA ARG A 38 1.91 17.07 -2.56
C ARG A 38 1.02 18.07 -3.28
N SER A 39 -0.28 17.83 -3.34
CA SER A 39 -1.12 18.66 -4.19
C SER A 39 -1.62 19.89 -3.45
N PRO A 40 -2.00 20.93 -4.18
CA PRO A 40 -2.53 22.13 -3.53
C PRO A 40 -3.95 21.90 -3.04
N GLY A 41 -4.45 22.94 -2.40
CA GLY A 41 -5.77 22.89 -1.82
C GLY A 41 -6.00 24.18 -1.06
N THR A 42 -7.07 24.18 -0.29
CA THR A 42 -7.45 25.37 0.45
C THR A 42 -7.26 25.25 1.95
N GLY A 43 -7.08 24.06 2.49
CA GLY A 43 -7.17 23.90 3.92
C GLY A 43 -6.10 24.63 4.69
N LEU A 44 -6.14 24.46 6.02
CA LEU A 44 -4.98 24.87 6.77
C LEU A 44 -3.76 24.07 6.31
N TYR A 45 -3.95 22.80 5.93
CA TYR A 45 -2.77 21.99 5.59
C TYR A 45 -2.03 22.59 4.39
N HIS A 46 -2.74 22.92 3.31
CA HIS A 46 -2.02 23.46 2.16
CA HIS A 46 -2.06 23.49 2.14
C HIS A 46 -1.35 24.79 2.49
N ASN A 47 -1.97 25.64 3.33
CA ASN A 47 -1.30 26.86 3.80
C ASN A 47 0.00 26.50 4.49
N LEU A 48 -0.05 25.55 5.43
CA LEU A 48 1.14 25.15 6.15
C LEU A 48 2.15 24.49 5.23
N ALA A 49 1.70 23.62 4.32
CA ALA A 49 2.66 22.99 3.41
C ALA A 49 3.43 24.06 2.62
N ARG A 50 2.74 25.10 2.15
CA ARG A 50 3.39 26.10 1.30
C ARG A 50 4.32 26.98 2.13
N LEU A 51 3.89 27.35 3.34
CA LEU A 51 4.60 28.31 4.18
C LEU A 51 5.70 27.67 5.00
N LYS A 52 5.50 26.45 5.48
CA LYS A 52 6.41 25.90 6.49
C LYS A 52 7.31 24.77 6.04
N LEU A 53 7.01 24.09 4.91
CA LEU A 53 7.80 22.92 4.56
C LEU A 53 8.90 23.33 3.60
N PRO A 54 10.18 22.97 3.84
CA PRO A 54 11.21 23.35 2.85
C PRO A 54 11.06 22.59 1.55
N TYR A 55 10.41 21.42 1.60
CA TYR A 55 10.10 20.59 0.45
C TYR A 55 8.95 19.67 0.86
N PRO A 56 8.15 19.19 -0.10
CA PRO A 56 6.89 18.50 0.29
C PRO A 56 7.07 17.33 1.27
N GLU A 57 8.10 16.51 1.09
CA GLU A 57 8.28 15.29 1.85
C GLU A 57 8.70 15.56 3.30
N ALA A 58 9.05 16.80 3.64
CA ALA A 58 9.46 17.08 5.01
C ALA A 58 8.30 16.88 5.99
N VAL A 59 7.05 16.92 5.51
CA VAL A 59 5.91 16.57 6.36
C VAL A 59 6.07 15.17 6.94
N PHE A 60 6.88 14.31 6.29
CA PHE A 60 7.17 12.96 6.78
C PHE A 60 8.60 12.82 7.30
N ASP A 61 9.31 13.93 7.56
CA ASP A 61 10.67 13.88 8.08
C ASP A 61 10.68 14.01 9.60
N VAL A 62 11.30 13.04 10.27
CA VAL A 62 11.20 12.99 11.73
C VAL A 62 11.94 14.15 12.41
N ASP A 63 13.02 14.68 11.81
CA ASP A 63 13.67 15.84 12.39
C ASP A 63 12.81 17.10 12.23
N PHE A 64 12.22 17.30 11.05
CA PHE A 64 11.31 18.43 10.91
C PHE A 64 10.13 18.30 11.90
N PHE A 65 9.53 17.11 11.96
CA PHE A 65 8.36 16.88 12.83
C PHE A 65 8.64 17.28 14.27
N GLN A 66 9.82 16.89 14.81
CA GLN A 66 10.19 17.25 16.19
C GLN A 66 10.30 18.74 16.35
N SER A 67 10.77 19.43 15.31
CA SER A 67 10.84 20.88 15.43
C SER A 67 9.49 21.53 15.24
N ASP A 68 8.55 20.89 14.55
CA ASP A 68 7.28 21.53 14.23
C ASP A 68 6.27 20.47 13.83
N PRO A 69 5.52 19.94 14.79
CA PRO A 69 4.56 18.87 14.47
C PRO A 69 3.30 19.33 13.71
N LEU A 70 3.03 20.64 13.63
CA LEU A 70 1.73 21.09 13.14
C LEU A 70 1.45 20.65 11.72
N PRO A 71 2.37 20.80 10.76
CA PRO A 71 2.05 20.35 9.39
C PRO A 71 1.67 18.90 9.34
N PHE A 72 2.41 18.02 10.01
CA PHE A 72 2.01 16.62 9.96
C PHE A 72 0.65 16.40 10.61
N TYR A 73 0.37 17.06 11.74
CA TYR A 73 -0.92 16.90 12.38
C TYR A 73 -2.05 17.29 11.44
N THR A 74 -1.90 18.42 10.72
CA THR A 74 -2.97 18.90 9.86
C THR A 74 -3.14 17.99 8.64
N LEU A 75 -2.05 17.39 8.14
CA LEU A 75 -2.16 16.38 7.09
C LEU A 75 -2.87 15.11 7.59
N ALA A 76 -2.50 14.61 8.79
CA ALA A 76 -3.15 13.40 9.35
C ALA A 76 -4.65 13.59 9.47
N LYS A 77 -5.08 14.82 9.81
CA LYS A 77 -6.51 15.12 9.85
C LYS A 77 -7.16 14.87 8.50
N GLU A 78 -6.50 15.23 7.39
CA GLU A 78 -7.13 15.03 6.09
C GLU A 78 -6.99 13.61 5.56
N LEU A 79 -6.04 12.82 6.07
CA LEU A 79 -5.84 11.43 5.72
C LEU A 79 -6.51 10.48 6.68
N TYR A 80 -7.11 10.98 7.76
CA TYR A 80 -7.75 10.24 8.87
C TYR A 80 -8.38 8.93 8.42
N PRO A 81 -7.82 7.73 8.77
CA PRO A 81 -8.48 6.47 8.37
C PRO A 81 -9.88 6.38 8.94
N GLY A 82 -10.78 5.82 8.14
CA GLY A 82 -12.17 5.94 8.47
C GLY A 82 -12.88 6.95 7.57
N ASN A 83 -12.26 8.09 7.19
CA ASN A 83 -12.89 9.00 6.22
C ASN A 83 -13.29 8.32 4.93
N PHE A 84 -12.43 7.42 4.41
CA PHE A 84 -12.52 7.08 3.00
C PHE A 84 -12.92 5.61 2.83
N ARG A 85 -13.69 5.35 1.81
CA ARG A 85 -14.13 3.97 1.54
C ARG A 85 -13.09 3.26 0.69
N PRO A 86 -12.70 2.02 1.00
CA PRO A 86 -11.72 1.34 0.15
C PRO A 86 -12.29 1.21 -1.27
N SER A 87 -11.40 1.20 -2.26
CA SER A 87 -11.78 1.12 -3.67
C SER A 87 -12.12 -0.33 -4.07
N LYS A 88 -12.69 -0.48 -5.28
CA LYS A 88 -12.89 -1.83 -5.82
C LYS A 88 -11.59 -2.61 -5.84
N PHE A 89 -10.50 -1.94 -6.18
CA PHE A 89 -9.24 -2.67 -6.22
C PHE A 89 -8.84 -3.14 -4.82
N HIS A 90 -9.07 -2.30 -3.79
CA HIS A 90 -8.78 -2.76 -2.42
C HIS A 90 -9.58 -4.02 -2.10
N TYR A 91 -10.86 -4.04 -2.46
CA TYR A 91 -11.67 -5.24 -2.24
C TYR A 91 -11.25 -6.43 -3.09
N LEU A 92 -10.68 -6.19 -4.27
CA LEU A 92 -10.10 -7.29 -5.05
C LEU A 92 -9.05 -8.03 -4.21
N LEU A 93 -8.22 -7.28 -3.47
CA LEU A 93 -7.25 -7.94 -2.59
C LEU A 93 -7.96 -8.82 -1.57
N LYS A 94 -9.07 -8.34 -1.00
CA LYS A 94 -9.80 -9.17 -0.03
C LYS A 94 -10.40 -10.40 -0.70
N LEU A 95 -10.88 -10.23 -1.93
CA LEU A 95 -11.41 -11.36 -2.68
C LEU A 95 -10.34 -12.43 -2.95
N PHE A 96 -9.13 -12.00 -3.37
CA PHE A 96 -8.04 -12.95 -3.58
C PHE A 96 -7.71 -13.68 -2.28
N GLN A 97 -7.80 -12.97 -1.15
CA GLN A 97 -7.57 -13.58 0.15
C GLN A 97 -8.63 -14.62 0.45
N ASP A 98 -9.89 -14.26 0.22
CA ASP A 98 -10.98 -15.24 0.41
C ASP A 98 -10.80 -16.48 -0.46
N LYS A 99 -10.21 -16.33 -1.64
CA LYS A 99 -9.95 -17.42 -2.57
C LYS A 99 -8.59 -18.11 -2.35
N ASP A 100 -7.84 -17.67 -1.34
CA ASP A 100 -6.60 -18.31 -0.92
C ASP A 100 -5.50 -18.15 -1.97
N VAL A 101 -5.53 -17.02 -2.68
CA VAL A 101 -4.53 -16.84 -3.73
C VAL A 101 -3.82 -15.51 -3.50
N LEU A 102 -3.93 -14.93 -2.30
CA LEU A 102 -3.17 -13.72 -1.95
C LEU A 102 -1.95 -14.16 -1.14
N LYS A 103 -0.76 -14.02 -1.70
CA LYS A 103 0.45 -14.30 -0.92
C LYS A 103 0.78 -13.12 0.01
N ARG A 104 0.76 -11.92 -0.53
CA ARG A 104 1.15 -10.71 0.21
C ARG A 104 0.74 -9.50 -0.60
N VAL A 105 0.49 -8.38 0.10
CA VAL A 105 0.41 -7.09 -0.56
C VAL A 105 1.46 -6.18 0.09
N TYR A 106 2.42 -5.76 -0.72
CA TYR A 106 3.43 -4.77 -0.36
C TYR A 106 2.86 -3.41 -0.77
N THR A 107 2.57 -2.55 0.21
CA THR A 107 1.91 -1.28 -0.09
C THR A 107 2.81 -0.11 0.29
N GLN A 108 2.89 0.88 -0.59
CA GLN A 108 3.55 2.12 -0.25
C GLN A 108 2.60 3.16 0.35
N ASN A 109 1.34 2.81 0.55
CA ASN A 109 0.35 3.76 1.06
C ASN A 109 0.26 3.70 2.59
N ILE A 110 -0.02 4.85 3.22
CA ILE A 110 -0.22 4.89 4.67
C ILE A 110 -1.68 4.88 5.06
N ASP A 111 -2.60 4.89 4.08
CA ASP A 111 -4.03 5.12 4.29
C ASP A 111 -4.77 3.98 5.00
N THR A 112 -4.14 2.80 5.14
CA THR A 112 -4.66 1.62 5.81
C THR A 112 -5.88 1.04 5.08
N LEU A 113 -6.04 1.35 3.79
CA LEU A 113 -7.24 0.91 3.09
C LEU A 113 -7.25 -0.58 2.78
N GLU A 114 -6.08 -1.21 2.64
CA GLU A 114 -6.02 -2.66 2.46
C GLU A 114 -6.62 -3.34 3.69
N ARG A 115 -6.15 -2.96 4.88
CA ARG A 115 -6.66 -3.58 6.10
C ARG A 115 -8.15 -3.31 6.26
N GLN A 116 -8.58 -2.10 5.90
CA GLN A 116 -9.96 -1.70 6.15
C GLN A 116 -10.90 -2.46 5.19
N ALA A 117 -10.42 -2.81 3.99
CA ALA A 117 -11.16 -3.67 3.08
C ALA A 117 -11.20 -5.13 3.53
N GLY A 118 -10.55 -5.49 4.64
CA GLY A 118 -10.61 -6.86 5.15
C GLY A 118 -9.39 -7.73 4.90
N VAL A 119 -8.34 -7.21 4.26
CA VAL A 119 -7.10 -7.96 4.14
C VAL A 119 -6.50 -8.18 5.52
N LYS A 120 -6.00 -9.41 5.76
CA LYS A 120 -5.43 -9.81 7.05
C LYS A 120 -4.13 -9.07 7.34
N ASP A 121 -3.90 -8.82 8.62
CA ASP A 121 -2.73 -8.05 9.03
C ASP A 121 -1.45 -8.74 8.55
N ASP A 122 -1.39 -10.08 8.55
CA ASP A 122 -0.13 -10.77 8.23
C ASP A 122 0.13 -10.84 6.72
N LEU A 123 -0.85 -10.46 5.90
CA LEU A 123 -0.68 -10.41 4.46
C LEU A 123 -0.28 -9.01 3.96
N ILE A 124 -0.26 -8.02 4.84
CA ILE A 124 0.03 -6.64 4.47
C ILE A 124 1.43 -6.29 4.94
N ILE A 125 2.22 -5.73 4.04
CA ILE A 125 3.54 -5.23 4.37
C ILE A 125 3.59 -3.77 3.95
N GLU A 126 3.84 -2.87 4.90
CA GLU A 126 3.75 -1.42 4.71
C GLU A 126 5.14 -0.83 4.48
N ALA A 127 5.39 -0.29 3.31
CA ALA A 127 6.74 0.26 3.07
C ALA A 127 6.97 1.57 3.84
N HIS A 128 5.90 2.21 4.33
CA HIS A 128 6.07 3.43 5.10
C HIS A 128 5.29 3.36 6.40
N GLY A 129 5.01 2.17 6.90
CA GLY A 129 4.17 2.10 8.07
C GLY A 129 2.74 2.56 7.76
N SER A 130 2.03 2.97 8.79
CA SER A 130 0.63 3.30 8.55
C SER A 130 0.06 3.95 9.80
N PHE A 131 -1.22 4.33 9.71
CA PHE A 131 -1.94 4.88 10.84
C PHE A 131 -2.46 3.80 11.80
N ALA A 132 -2.16 2.52 11.59
CA ALA A 132 -2.77 1.45 12.40
C ALA A 132 -2.54 1.63 13.91
N HIS A 133 -1.36 2.10 14.30
N HIS A 133 -1.34 2.07 14.31
CA HIS A 133 -0.97 2.22 15.69
CA HIS A 133 -1.02 2.24 15.72
C HIS A 133 -0.26 3.56 15.89
C HIS A 133 -0.18 3.49 15.91
N CYS A 134 -0.08 3.94 17.17
CA CYS A 134 0.73 5.09 17.58
C CYS A 134 1.84 4.65 18.53
N HIS A 135 2.96 5.40 18.51
CA HIS A 135 4.14 5.09 19.32
C HIS A 135 4.84 6.39 19.71
N CYS A 136 5.50 6.37 20.87
CA CYS A 136 6.47 7.41 21.21
C CYS A 136 7.72 7.34 20.31
N ILE A 137 8.11 8.47 19.71
CA ILE A 137 9.32 8.50 18.89
C ILE A 137 10.59 8.42 19.70
N GLY A 138 10.52 8.55 21.02
CA GLY A 138 11.70 8.54 21.85
C GLY A 138 11.98 7.20 22.49
N CYS A 139 10.94 6.51 22.97
CA CYS A 139 11.14 5.24 23.65
C CYS A 139 10.33 4.09 23.07
N GLY A 140 9.33 4.37 22.23
CA GLY A 140 8.57 3.32 21.60
C GLY A 140 7.29 2.88 22.29
N LYS A 141 7.00 3.31 23.52
CA LYS A 141 5.72 2.98 24.17
C LYS A 141 4.53 3.09 23.20
N VAL A 142 3.71 2.03 23.16
CA VAL A 142 2.50 1.97 22.33
C VAL A 142 1.46 2.94 22.91
N TYR A 143 0.83 3.73 22.06
CA TYR A 143 -0.34 4.46 22.53
C TYR A 143 -1.58 4.07 21.77
N PRO A 144 -2.76 4.14 22.40
CA PRO A 144 -4.01 3.92 21.68
C PRO A 144 -4.17 4.99 20.62
N PRO A 145 -4.51 4.62 19.38
CA PRO A 145 -4.66 5.63 18.32
C PRO A 145 -5.59 6.75 18.72
N GLN A 146 -6.52 6.46 19.63
CA GLN A 146 -7.56 7.41 20.02
C GLN A 146 -6.97 8.69 20.61
N VAL A 147 -5.88 8.59 21.36
CA VAL A 147 -5.33 9.79 21.99
C VAL A 147 -4.85 10.79 20.93
N PHE A 148 -4.19 10.29 19.88
CA PHE A 148 -3.76 11.15 18.79
C PHE A 148 -4.95 11.69 18.02
N LYS A 149 -6.02 10.89 17.92
CA LYS A 149 -7.14 11.23 17.07
C LYS A 149 -7.99 12.30 17.75
N SER A 150 -7.99 12.30 19.08
CA SER A 150 -8.63 13.30 19.91
C SER A 150 -8.03 14.68 19.67
N LYS A 151 -6.69 14.78 19.60
CA LYS A 151 -6.06 16.05 19.29
C LYS A 151 -6.43 16.56 17.91
N LEU A 152 -6.58 15.66 16.93
CA LEU A 152 -6.90 16.11 15.59
C LEU A 152 -8.23 16.84 15.54
N ALA A 153 -9.07 16.69 16.56
CA ALA A 153 -10.39 17.31 16.52
C ALA A 153 -10.43 18.70 17.12
N GLU A 154 -9.34 19.13 17.77
CA GLU A 154 -9.30 20.41 18.49
C GLU A 154 -9.16 21.60 17.55
N HIS A 155 -9.72 22.74 17.95
CA HIS A 155 -9.80 23.91 17.08
C HIS A 155 -9.28 25.13 17.82
N PRO A 156 -8.00 25.49 17.64
CA PRO A 156 -6.98 24.85 16.82
C PRO A 156 -6.25 23.72 17.49
N ILE A 157 -5.41 23.05 16.71
CA ILE A 157 -4.59 21.96 17.21
C ILE A 157 -3.37 22.57 17.90
N LYS A 158 -3.24 22.34 19.20
CA LYS A 158 -2.03 22.70 19.93
C LYS A 158 -1.88 21.73 21.10
N ASP A 159 -0.74 21.77 21.78
CA ASP A 159 -0.41 20.77 22.80
C ASP A 159 -0.46 19.36 22.19
N PHE A 160 0.48 19.13 21.28
CA PHE A 160 0.64 17.83 20.62
C PHE A 160 0.80 16.70 21.62
N VAL A 161 0.38 15.50 21.24
CA VAL A 161 0.43 14.40 22.21
C VAL A 161 1.86 14.12 22.61
N LYS A 162 2.09 13.95 23.92
CA LYS A 162 3.40 13.58 24.42
C LYS A 162 3.36 12.32 25.27
N CYS A 163 4.43 11.53 25.16
CA CYS A 163 4.62 10.31 25.95
C CYS A 163 4.49 10.54 27.44
N ASP A 164 3.70 9.71 28.13
CA ASP A 164 3.60 9.91 29.57
C ASP A 164 4.78 9.29 30.32
N VAL A 165 5.56 8.41 29.67
CA VAL A 165 6.75 7.78 30.25
C VAL A 165 8.01 8.62 30.05
N CYS A 166 8.22 9.19 28.88
CA CYS A 166 9.46 9.89 28.62
C CYS A 166 9.26 11.29 28.08
N GLY A 167 8.03 11.68 27.73
CA GLY A 167 7.74 13.07 27.40
C GLY A 167 8.04 13.49 25.98
N GLU A 168 8.52 12.56 25.13
CA GLU A 168 8.78 12.82 23.73
C GLU A 168 7.48 12.75 22.93
N LEU A 169 7.55 13.07 21.65
CA LEU A 169 6.33 13.19 20.86
C LEU A 169 5.79 11.81 20.49
N VAL A 170 4.45 11.67 20.53
CA VAL A 170 3.72 10.45 20.16
C VAL A 170 3.17 10.67 18.77
N LYS A 171 3.24 9.69 17.89
CA LYS A 171 2.67 9.91 16.58
C LYS A 171 2.22 8.56 16.00
N PRO A 172 1.38 8.57 14.96
CA PRO A 172 1.04 7.30 14.29
C PRO A 172 2.32 6.61 13.84
N ALA A 173 2.27 5.27 13.76
CA ALA A 173 3.44 4.46 13.42
C ALA A 173 3.72 4.46 11.93
N ILE A 174 3.72 5.65 11.35
CA ILE A 174 4.23 5.89 10.02
C ILE A 174 5.75 5.98 10.10
N VAL A 175 6.44 5.28 9.19
CA VAL A 175 7.91 5.35 9.24
C VAL A 175 8.32 6.67 8.61
N PHE A 176 8.76 7.62 9.42
CA PHE A 176 9.25 8.87 8.87
C PHE A 176 10.67 8.72 8.34
N PHE A 177 11.03 9.55 7.36
CA PHE A 177 12.43 9.65 6.99
C PHE A 177 13.25 10.01 8.23
N GLY A 178 14.42 9.38 8.39
CA GLY A 178 15.15 9.49 9.64
C GLY A 178 14.83 8.39 10.64
N GLU A 179 13.83 7.58 10.35
CA GLU A 179 13.48 6.44 11.18
C GLU A 179 13.82 5.17 10.40
N ASP A 180 14.13 4.12 11.15
CA ASP A 180 14.44 2.82 10.56
C ASP A 180 13.17 2.10 10.13
N LEU A 181 13.21 1.54 8.94
CA LEU A 181 12.16 0.64 8.51
C LEU A 181 12.22 -0.64 9.33
N PRO A 182 11.10 -1.12 9.89
CA PRO A 182 11.11 -2.33 10.70
C PRO A 182 11.76 -3.53 10.01
N ASP A 183 12.37 -4.41 10.81
CA ASP A 183 13.02 -5.59 10.24
C ASP A 183 12.04 -6.48 9.49
N SER A 184 10.76 -6.40 9.83
CA SER A 184 9.78 -7.31 9.25
C SER A 184 9.59 -7.04 7.76
N PHE A 185 9.80 -5.80 7.32
CA PHE A 185 9.69 -5.52 5.89
C PHE A 185 10.70 -6.35 5.11
N SER A 186 11.98 -6.19 5.44
CA SER A 186 13.03 -6.81 4.63
C SER A 186 13.05 -8.33 4.81
N GLU A 187 12.76 -8.81 6.03
CA GLU A 187 12.73 -10.26 6.24
C GLU A 187 11.52 -10.88 5.56
N THR A 188 10.40 -10.17 5.49
CA THR A 188 9.25 -10.74 4.75
C THR A 188 9.54 -10.78 3.26
N TRP A 189 10.16 -9.73 2.72
CA TRP A 189 10.49 -9.80 1.30
C TRP A 189 11.54 -10.87 1.02
N LEU A 190 12.46 -11.11 1.96
CA LEU A 190 13.41 -12.19 1.79
C LEU A 190 12.69 -13.53 1.71
N ASN A 191 11.76 -13.77 2.65
CA ASN A 191 11.00 -15.03 2.64
C ASN A 191 10.12 -15.16 1.40
N ASP A 192 9.43 -14.10 1.02
CA ASP A 192 8.53 -14.19 -0.14
C ASP A 192 9.30 -14.35 -1.46
N SER A 193 10.51 -13.74 -1.56
CA SER A 193 11.41 -13.94 -2.70
C SER A 193 11.86 -15.38 -2.80
N GLU A 194 12.11 -15.99 -1.64
CA GLU A 194 12.52 -17.39 -1.60
C GLU A 194 11.34 -18.27 -2.07
N TRP A 195 10.13 -17.95 -1.62
CA TRP A 195 8.92 -18.65 -2.08
C TRP A 195 8.68 -18.51 -3.59
N LEU A 196 8.99 -17.33 -4.16
CA LEU A 196 8.92 -17.10 -5.61
C LEU A 196 9.88 -17.98 -6.39
N ARG A 197 10.93 -18.47 -5.75
CA ARG A 197 11.81 -19.42 -6.42
C ARG A 197 11.47 -20.87 -6.12
N GLU A 198 10.47 -21.12 -5.27
CA GLU A 198 10.21 -22.50 -4.86
C GLU A 198 9.48 -23.28 -5.95
N LYS A 199 9.79 -24.57 -6.04
CA LYS A 199 9.03 -25.52 -6.86
C LYS A 199 7.89 -26.10 -6.01
N ILE A 200 6.65 -25.70 -6.31
CA ILE A 200 5.50 -26.15 -5.55
C ILE A 200 4.61 -26.94 -6.51
N THR A 201 4.45 -28.22 -6.23
CA THR A 201 3.65 -29.10 -7.09
C THR A 201 2.44 -29.65 -6.34
N THR A 202 1.31 -29.76 -7.03
CA THR A 202 0.08 -30.28 -6.43
C THR A 202 -0.67 -31.16 -7.40
N SER A 203 -1.35 -30.54 -8.37
CA SER A 203 -2.11 -31.28 -9.37
C SER A 203 -1.27 -31.56 -10.61
N GLY A 204 -1.32 -32.79 -11.09
CA GLY A 204 -0.58 -33.19 -12.27
C GLY A 204 0.92 -33.24 -12.02
N LYS A 205 1.69 -33.12 -13.10
CA LYS A 205 3.15 -33.16 -12.99
C LYS A 205 3.76 -31.85 -13.49
N HIS A 206 3.44 -30.75 -12.82
CA HIS A 206 3.96 -29.45 -13.19
C HIS A 206 3.94 -28.57 -11.95
N PRO A 207 4.86 -27.61 -11.85
CA PRO A 207 4.81 -26.69 -10.73
C PRO A 207 3.68 -25.66 -10.83
N GLN A 208 3.33 -25.12 -9.67
CA GLN A 208 2.33 -24.07 -9.57
C GLN A 208 3.04 -22.73 -9.69
N GLN A 209 2.88 -22.05 -10.84
CA GLN A 209 3.67 -20.83 -11.13
C GLN A 209 2.99 -19.62 -10.50
N PRO A 210 3.67 -18.89 -9.67
CA PRO A 210 3.05 -17.72 -9.10
C PRO A 210 3.11 -16.49 -10.01
N LEU A 211 2.68 -15.37 -9.50
CA LEU A 211 2.59 -14.15 -10.25
C LEU A 211 2.85 -12.95 -9.34
N VAL A 212 3.42 -11.90 -9.88
CA VAL A 212 3.57 -10.64 -9.14
C VAL A 212 2.89 -9.55 -9.95
N ILE A 213 1.95 -8.84 -9.30
CA ILE A 213 1.21 -7.78 -9.96
C ILE A 213 1.55 -6.43 -9.30
N VAL A 214 2.09 -5.51 -10.09
CA VAL A 214 2.47 -4.18 -9.64
C VAL A 214 1.41 -3.19 -10.11
N VAL A 215 0.87 -2.38 -9.17
CA VAL A 215 -0.28 -1.55 -9.53
C VAL A 215 -0.16 -0.17 -8.93
N GLY A 216 -0.41 0.86 -9.75
CA GLY A 216 -0.64 2.23 -9.24
C GLY A 216 0.57 2.81 -8.56
N THR A 217 1.77 2.61 -9.13
CA THR A 217 2.99 3.21 -8.59
C THR A 217 3.91 3.65 -9.71
N SER A 218 4.60 4.75 -9.49
CA SER A 218 5.53 5.21 -10.51
C SER A 218 6.92 4.60 -10.32
N LEU A 219 7.13 3.79 -9.27
CA LEU A 219 8.40 3.08 -9.09
C LEU A 219 9.58 4.04 -9.18
N ALA A 220 9.42 5.20 -8.56
CA ALA A 220 10.45 6.22 -8.55
C ALA A 220 11.06 6.41 -7.17
N VAL A 221 10.49 5.84 -6.11
CA VAL A 221 10.95 6.09 -4.75
C VAL A 221 11.61 4.84 -4.21
N TYR A 222 12.83 4.99 -3.79
CA TYR A 222 13.59 3.88 -3.22
C TYR A 222 13.55 3.90 -1.70
N PRO A 223 13.77 2.74 -1.04
CA PRO A 223 14.07 1.39 -1.59
C PRO A 223 12.92 0.60 -2.24
N PHE A 224 11.65 0.99 -2.06
CA PHE A 224 10.58 0.16 -2.60
C PHE A 224 10.75 -0.10 -4.09
N ALA A 225 11.26 0.90 -4.82
CA ALA A 225 11.35 0.77 -6.26
C ALA A 225 12.36 -0.29 -6.67
N SER A 226 13.17 -0.80 -5.72
CA SER A 226 14.09 -1.91 -6.02
C SER A 226 13.38 -3.27 -6.11
N LEU A 227 12.17 -3.40 -5.56
CA LEU A 227 11.56 -4.73 -5.50
C LEU A 227 11.25 -5.32 -6.87
N PRO A 228 10.63 -4.59 -7.82
CA PRO A 228 10.26 -5.27 -9.07
C PRO A 228 11.42 -5.93 -9.78
N GLU A 229 12.61 -5.32 -9.80
CA GLU A 229 13.72 -5.99 -10.48
C GLU A 229 14.23 -7.16 -9.66
N GLU A 230 13.84 -7.26 -8.39
CA GLU A 230 14.23 -8.40 -7.55
C GLU A 230 13.28 -9.59 -7.72
N ILE A 231 12.18 -9.40 -8.42
CA ILE A 231 11.36 -10.58 -8.77
C ILE A 231 12.18 -11.48 -9.68
N PRO A 232 12.25 -12.80 -9.40
CA PRO A 232 12.99 -13.70 -10.30
C PRO A 232 12.51 -13.57 -11.74
N ARG A 233 13.46 -13.61 -12.66
CA ARG A 233 13.11 -13.52 -14.07
C ARG A 233 12.15 -14.63 -14.46
N LYS A 234 12.27 -15.78 -13.82
CA LYS A 234 11.43 -16.90 -14.19
C LYS A 234 9.99 -16.77 -13.67
N VAL A 235 9.67 -15.68 -12.97
CA VAL A 235 8.32 -15.41 -12.42
C VAL A 235 7.64 -14.30 -13.23
N LYS A 236 6.43 -14.56 -13.72
CA LYS A 236 5.77 -13.59 -14.57
C LYS A 236 5.38 -12.33 -13.78
N ARG A 237 5.66 -11.16 -14.34
CA ARG A 237 5.34 -9.86 -13.76
C ARG A 237 4.20 -9.21 -14.54
N VAL A 238 3.30 -8.58 -13.83
CA VAL A 238 2.27 -7.72 -14.42
C VAL A 238 2.47 -6.29 -13.93
N LEU A 239 2.33 -5.32 -14.83
CA LEU A 239 2.24 -3.93 -14.39
C LEU A 239 0.89 -3.37 -14.83
N CYS A 240 0.07 -3.00 -13.86
CA CYS A 240 -1.19 -2.29 -14.16
C CYS A 240 -1.02 -0.84 -13.70
N ASN A 241 -0.82 0.09 -14.64
CA ASN A 241 -0.42 1.45 -14.30
C ASN A 241 -0.68 2.33 -15.51
N LEU A 242 -1.07 3.60 -15.28
CA LEU A 242 -1.48 4.42 -16.42
C LEU A 242 -0.32 4.68 -17.37
N GLU A 243 0.91 4.48 -16.91
CA GLU A 243 2.14 4.69 -17.67
C GLU A 243 3.12 3.55 -17.35
N THR A 244 3.97 3.21 -18.31
CA THR A 244 5.03 2.22 -18.08
C THR A 244 6.20 2.84 -17.31
N VAL A 245 6.64 2.21 -16.23
CA VAL A 245 7.53 2.87 -15.28
C VAL A 245 8.54 1.87 -14.75
N GLY A 246 9.63 2.41 -14.17
CA GLY A 246 10.51 1.58 -13.39
C GLY A 246 11.21 0.54 -14.22
N ASP A 247 11.45 -0.63 -13.62
CA ASP A 247 12.13 -1.73 -14.31
C ASP A 247 11.36 -2.25 -15.52
N PHE A 248 10.05 -1.96 -15.61
CA PHE A 248 9.27 -2.37 -16.78
C PHE A 248 9.60 -1.52 -18.00
N LYS A 249 10.20 -0.36 -17.77
CA LYS A 249 10.53 0.55 -18.85
C LYS A 249 11.95 0.28 -19.33
N ALA A 250 12.88 0.14 -18.39
CA ALA A 250 14.27 -0.06 -18.78
C ALA A 250 14.49 -1.51 -19.21
N ASN A 251 14.31 -2.44 -18.28
CA ASN A 251 14.73 -3.81 -18.50
C ASN A 251 13.50 -4.70 -18.54
N LYS A 252 12.54 -4.34 -19.42
CA LYS A 252 11.37 -5.17 -19.70
C LYS A 252 11.80 -6.60 -20.01
N ARG A 253 11.03 -7.58 -19.41
CA ARG A 253 11.27 -8.99 -19.55
C ARG A 253 10.33 -9.61 -20.57
N PRO A 254 10.78 -10.70 -21.23
CA PRO A 254 9.96 -11.30 -22.29
C PRO A 254 8.55 -11.60 -21.82
N THR A 255 8.38 -12.01 -20.56
CA THR A 255 7.07 -12.44 -20.07
C THR A 255 6.27 -11.31 -19.39
N ASP A 256 6.77 -10.05 -19.42
CA ASP A 256 6.09 -8.94 -18.73
C ASP A 256 4.77 -8.62 -19.41
N LEU A 257 3.72 -8.41 -18.61
CA LEU A 257 2.41 -7.99 -19.11
C LEU A 257 2.14 -6.59 -18.60
N ILE A 258 2.05 -5.63 -19.51
CA ILE A 258 1.86 -4.23 -19.15
C ILE A 258 0.46 -3.83 -19.54
N VAL A 259 -0.30 -3.33 -18.58
CA VAL A 259 -1.70 -3.00 -18.78
C VAL A 259 -1.88 -1.54 -18.41
N HIS A 260 -2.15 -0.68 -19.41
CA HIS A 260 -2.41 0.74 -19.13
C HIS A 260 -3.88 0.86 -18.78
N GLN A 261 -4.20 0.70 -17.51
CA GLN A 261 -5.58 0.65 -17.14
C GLN A 261 -5.72 1.18 -15.72
N TYR A 262 -6.84 1.84 -15.46
CA TYR A 262 -7.18 2.20 -14.08
C TYR A 262 -7.34 0.96 -13.21
N SER A 263 -6.79 1.04 -12.01
CA SER A 263 -6.82 -0.08 -11.08
C SER A 263 -8.24 -0.59 -10.78
N ASP A 264 -9.26 0.30 -10.68
CA ASP A 264 -10.60 -0.21 -10.36
C ASP A 264 -11.21 -0.99 -11.53
N GLU A 265 -10.96 -0.55 -12.77
CA GLU A 265 -11.47 -1.24 -13.96
C GLU A 265 -10.70 -2.51 -14.26
N PHE A 266 -9.40 -2.51 -13.97
CA PHE A 266 -8.63 -3.76 -14.01
C PHE A 266 -9.24 -4.80 -13.07
N ALA A 267 -9.57 -4.39 -11.85
CA ALA A 267 -10.20 -5.31 -10.91
C ALA A 267 -11.52 -5.85 -11.42
N GLU A 268 -12.38 -4.98 -11.98
CA GLU A 268 -13.67 -5.45 -12.51
C GLU A 268 -13.46 -6.46 -13.64
N GLN A 269 -12.52 -6.17 -14.56
CA GLN A 269 -12.28 -7.00 -15.73
C GLN A 269 -11.60 -8.31 -15.34
N LEU A 270 -10.67 -8.25 -14.38
CA LEU A 270 -10.04 -9.47 -13.92
C LEU A 270 -11.05 -10.37 -13.26
N VAL A 271 -11.86 -9.81 -12.36
CA VAL A 271 -12.91 -10.60 -11.73
C VAL A 271 -13.84 -11.17 -12.80
N GLU A 272 -14.15 -10.36 -13.82
CA GLU A 272 -14.93 -10.76 -14.99
C GLU A 272 -14.38 -12.10 -15.50
N GLU A 273 -13.10 -12.08 -15.91
CA GLU A 273 -12.48 -13.22 -16.59
C GLU A 273 -12.29 -14.40 -15.67
N LEU A 274 -12.07 -14.16 -14.37
CA LEU A 274 -11.93 -15.26 -13.43
C LEU A 274 -13.26 -15.94 -13.11
N GLY A 275 -14.40 -15.31 -13.40
CA GLY A 275 -15.67 -15.88 -13.02
C GLY A 275 -16.00 -15.72 -11.56
N TRP A 276 -15.46 -14.69 -10.90
CA TRP A 276 -15.69 -14.41 -9.49
C TRP A 276 -16.65 -13.25 -9.21
N GLN A 277 -17.47 -12.85 -10.20
CA GLN A 277 -18.37 -11.70 -10.02
C GLN A 277 -19.28 -11.86 -8.81
N GLU A 278 -19.85 -13.05 -8.60
CA GLU A 278 -20.83 -13.22 -7.53
C GLU A 278 -20.19 -13.03 -6.17
N ASP A 279 -19.04 -13.66 -5.97
CA ASP A 279 -18.31 -13.45 -4.73
C ASP A 279 -17.87 -11.99 -4.59
N PHE A 280 -17.34 -11.41 -5.66
CA PHE A 280 -16.90 -10.02 -5.62
C PHE A 280 -18.05 -9.08 -5.24
N GLU A 281 -19.21 -9.27 -5.86
CA GLU A 281 -20.33 -8.36 -5.65
C GLU A 281 -20.82 -8.40 -4.21
N LYS A 282 -20.78 -9.57 -3.57
CA LYS A 282 -21.17 -9.65 -2.17
C LYS A 282 -20.23 -8.82 -1.29
N ILE A 283 -18.94 -8.86 -1.59
CA ILE A 283 -17.94 -8.13 -0.81
C ILE A 283 -18.15 -6.61 -0.95
N LEU A 284 -18.45 -6.16 -2.18
CA LEU A 284 -18.60 -4.73 -2.40
C LEU A 284 -19.84 -4.20 -1.69
N THR A 285 -20.90 -4.98 -1.66
CA THR A 285 -22.10 -4.48 -1.00
C THR A 285 -21.98 -4.54 0.52
N ALA A 286 -21.30 -5.55 1.06
CA ALA A 286 -21.13 -5.64 2.51
C ALA A 286 -20.28 -4.51 3.04
N GLN A 287 -19.35 -4.02 2.22
CA GLN A 287 -18.45 -2.96 2.66
C GLN A 287 -18.47 -1.77 1.71
#